data_3K52
#
_entry.id   3K52
#
_cell.length_a   77.860
_cell.length_b   100.800
_cell.length_c   87.320
_cell.angle_alpha   90.00
_cell.angle_beta   90.00
_cell.angle_gamma   90.00
#
_symmetry.space_group_name_H-M   'P 21 21 2'
#
loop_
_entity.id
_entity.type
_entity.pdbx_description
1 polymer 'isopentenyl phosphate kinase'
2 non-polymer 'Isopentenyl phosphate'
3 non-polymer 'SULFATE ION'
4 water water
#
_entity_poly.entity_id   1
_entity_poly.type   'polypeptide(L)'
_entity_poly.pdbx_seq_one_letter_code
;GSHGGSMLTILKLGGSILSDKNVPYSIKWDNLERIAMEIKNALDYYKNQNKEIKLILVHGGGAFGHPVAKKYLKIEDGKK
IFINMEKGFWEIQRAMRRFNNIIIDTLQSYDIPAVSIQPSSFVVFGDKLIFDTSAIKEMLKRNLVPVIHGDIVIDDKNGY
RIISGDDIVPYLANELKADLILYATDVDGVLIDNKPIKRIDKNNIYKILNYLSGSNSIDVTGGMKYKIEMIRKNKCRGFV
FNGNKANNIYKALLGEVEGTEIDFSE
;
_entity_poly.pdbx_strand_id   A,B
#
# COMPACT_ATOMS: atom_id res chain seq x y z
N MET A 7 -25.48 0.73 1.84
CA MET A 7 -24.85 1.06 3.15
C MET A 7 -23.41 0.54 3.19
N LEU A 8 -22.49 1.41 3.60
CA LEU A 8 -21.08 1.02 3.77
C LEU A 8 -20.76 0.64 5.21
N THR A 9 -20.19 -0.54 5.39
CA THR A 9 -19.79 -1.02 6.72
C THR A 9 -18.27 -1.08 6.88
N ILE A 10 -17.81 -0.89 8.11
CA ILE A 10 -16.40 -1.06 8.41
C ILE A 10 -16.25 -2.04 9.56
N LEU A 11 -15.67 -3.20 9.26
CA LEU A 11 -15.44 -4.21 10.28
C LEU A 11 -14.00 -4.10 10.76
N LYS A 12 -13.84 -3.89 12.05
CA LYS A 12 -12.51 -3.77 12.63
C LYS A 12 -12.18 -5.05 13.37
N LEU A 13 -11.28 -5.85 12.80
N LEU A 13 -11.23 -5.80 12.82
CA LEU A 13 -10.96 -7.13 13.41
CA LEU A 13 -10.74 -7.02 13.46
C LEU A 13 -10.41 -6.94 14.83
C LEU A 13 -9.43 -6.77 14.20
N GLY A 14 -9.24 -6.32 14.93
N GLY A 14 -8.32 -6.91 13.49
CA GLY A 14 -8.73 -5.90 16.23
CA GLY A 14 -7.00 -6.63 14.06
C GLY A 14 -8.76 -6.95 17.33
C GLY A 14 -6.46 -7.75 14.92
N GLY A 15 -8.63 -6.49 18.57
N GLY A 15 -5.13 -7.85 15.00
CA GLY A 15 -8.42 -7.39 19.70
CA GLY A 15 -4.47 -8.87 15.80
C GLY A 15 -7.17 -8.22 19.45
C GLY A 15 -5.40 -9.55 16.77
N SER A 16 -7.14 -9.43 19.97
N SER A 16 -4.96 -9.67 18.02
CA SER A 16 -6.08 -10.37 19.64
CA SER A 16 -5.76 -10.30 19.06
C SER A 16 -6.70 -11.63 19.04
C SER A 16 -6.46 -11.56 18.55
N ILE A 17 -7.74 -11.44 18.24
CA ILE A 17 -8.50 -12.55 17.69
C ILE A 17 -7.83 -13.18 16.47
N LEU A 18 -6.93 -12.44 15.83
CA LEU A 18 -6.24 -12.92 14.64
C LEU A 18 -4.81 -13.34 14.98
N SER A 19 -4.28 -12.77 16.05
CA SER A 19 -2.88 -12.98 16.40
C SER A 19 -2.61 -12.74 17.88
N ASP A 20 -1.80 -13.60 18.47
CA ASP A 20 -1.41 -13.48 19.87
C ASP A 20 -0.14 -12.63 19.99
N LYS A 21 -0.30 -11.37 20.37
CA LYS A 21 0.82 -10.45 20.45
C LYS A 21 1.98 -11.02 21.26
N ASN A 22 1.67 -12.00 22.10
CA ASN A 22 2.68 -12.65 22.94
C ASN A 22 3.63 -13.51 22.13
N VAL A 23 3.06 -14.37 21.29
CA VAL A 23 3.87 -15.21 20.42
C VAL A 23 4.15 -14.46 19.14
N PRO A 24 5.39 -13.98 18.98
CA PRO A 24 5.71 -13.20 17.79
C PRO A 24 5.34 -13.98 16.55
N TYR A 25 4.79 -13.29 15.56
CA TYR A 25 4.34 -13.92 14.32
C TYR A 25 3.32 -15.02 14.57
N SER A 26 2.58 -14.90 15.66
CA SER A 26 1.48 -15.80 15.99
C SER A 26 0.31 -15.62 15.02
N ILE A 27 -0.33 -16.72 14.66
CA ILE A 27 -1.52 -16.68 13.82
C ILE A 27 -2.60 -17.61 14.35
N LYS A 28 -3.71 -17.06 14.80
CA LYS A 28 -4.82 -17.88 15.24
C LYS A 28 -5.59 -18.37 14.03
N TRP A 29 -5.00 -19.33 13.31
CA TRP A 29 -5.54 -19.82 12.05
C TRP A 29 -7.01 -20.22 12.15
N ASP A 30 -7.30 -21.08 13.12
CA ASP A 30 -8.66 -21.58 13.30
C ASP A 30 -9.63 -20.40 13.38
N ASN A 31 -9.33 -19.48 14.29
CA ASN A 31 -10.17 -18.30 14.50
C ASN A 31 -10.22 -17.43 13.25
N LEU A 32 -9.08 -17.30 12.58
CA LEU A 32 -9.01 -16.49 11.38
C LEU A 32 -9.83 -17.09 10.26
N GLU A 33 -9.84 -18.41 10.17
CA GLU A 33 -10.60 -19.11 9.14
C GLU A 33 -12.10 -19.00 9.40
N ARG A 34 -12.53 -19.27 10.63
CA ARG A 34 -13.95 -19.14 10.97
C ARG A 34 -14.47 -17.76 10.61
N ILE A 35 -13.67 -16.74 10.88
CA ILE A 35 -14.07 -15.37 10.61
C ILE A 35 -14.32 -15.15 9.13
N ALA A 36 -13.46 -15.71 8.29
CA ALA A 36 -13.65 -15.60 6.85
C ALA A 36 -14.98 -16.24 6.45
N MET A 37 -15.26 -17.42 7.00
CA MET A 37 -16.53 -18.08 6.72
C MET A 37 -17.66 -17.08 6.97
N GLU A 38 -17.75 -16.62 8.22
CA GLU A 38 -18.83 -15.74 8.64
C GLU A 38 -18.96 -14.49 7.76
N ILE A 39 -17.85 -13.83 7.47
CA ILE A 39 -17.88 -12.71 6.55
C ILE A 39 -18.50 -13.15 5.23
N LYS A 40 -18.20 -14.38 4.83
CA LYS A 40 -18.75 -14.95 3.60
C LYS A 40 -20.24 -15.22 3.77
N ASN A 41 -20.60 -15.99 4.78
CA ASN A 41 -22.01 -16.23 5.09
C ASN A 41 -22.79 -14.93 4.96
N ALA A 42 -22.24 -13.86 5.53
CA ALA A 42 -22.89 -12.57 5.53
C ALA A 42 -23.01 -11.98 4.12
N LEU A 43 -21.90 -11.98 3.38
CA LEU A 43 -21.92 -11.43 2.04
C LEU A 43 -22.94 -12.17 1.16
N ASP A 44 -23.00 -13.48 1.32
CA ASP A 44 -23.96 -14.29 0.58
C ASP A 44 -25.38 -13.93 0.97
N TYR A 45 -25.58 -13.67 2.26
CA TYR A 45 -26.88 -13.32 2.79
C TYR A 45 -27.41 -12.01 2.20
N TYR A 46 -26.55 -10.99 2.09
CA TYR A 46 -26.96 -9.70 1.56
C TYR A 46 -27.27 -9.76 0.06
N LYS A 47 -26.71 -10.78 -0.59
CA LYS A 47 -26.99 -10.98 -2.01
C LYS A 47 -28.38 -11.59 -2.17
N ASN A 48 -28.64 -12.64 -1.41
CA ASN A 48 -29.97 -13.27 -1.41
C ASN A 48 -31.09 -12.29 -1.10
N GLN A 49 -30.92 -11.52 -0.03
CA GLN A 49 -31.90 -10.53 0.37
C GLN A 49 -31.79 -9.27 -0.50
N ASN A 50 -30.98 -9.36 -1.55
CA ASN A 50 -30.79 -8.22 -2.43
C ASN A 50 -30.69 -6.89 -1.68
N LYS A 51 -29.59 -6.72 -0.95
CA LYS A 51 -29.29 -5.45 -0.31
C LYS A 51 -27.85 -5.05 -0.63
N GLU A 52 -27.66 -3.79 -0.99
CA GLU A 52 -26.35 -3.27 -1.38
C GLU A 52 -25.47 -3.01 -0.16
N ILE A 53 -24.35 -3.73 -0.08
CA ILE A 53 -23.41 -3.53 1.01
C ILE A 53 -22.00 -3.26 0.49
N LYS A 54 -21.38 -2.18 0.98
CA LYS A 54 -19.97 -1.95 0.76
C LYS A 54 -19.24 -2.21 2.07
N LEU A 55 -18.25 -3.09 2.05
CA LEU A 55 -17.58 -3.52 3.26
C LEU A 55 -16.08 -3.28 3.25
N ILE A 56 -15.59 -2.65 4.31
CA ILE A 56 -14.16 -2.45 4.50
C ILE A 56 -13.69 -3.17 5.76
N LEU A 57 -12.59 -3.90 5.64
CA LEU A 57 -12.00 -4.56 6.80
C LEU A 57 -10.72 -3.84 7.21
N VAL A 58 -10.50 -3.79 8.52
CA VAL A 58 -9.29 -3.21 9.07
C VAL A 58 -8.73 -4.17 10.08
N HIS A 59 -7.40 -4.36 10.05
CA HIS A 59 -6.74 -5.15 11.09
C HIS A 59 -5.48 -4.46 11.61
N GLY A 60 -5.14 -4.75 12.86
CA GLY A 60 -3.95 -4.18 13.49
C GLY A 60 -2.70 -5.00 13.18
N GLY A 61 -1.66 -4.80 13.97
CA GLY A 61 -0.36 -5.42 13.70
C GLY A 61 -0.21 -6.80 14.30
N GLY A 62 -1.03 -7.12 15.29
CA GLY A 62 -0.93 -8.41 15.94
C GLY A 62 0.50 -8.68 16.36
N ALA A 63 0.92 -9.94 16.24
CA ALA A 63 2.26 -10.34 16.64
C ALA A 63 3.27 -10.05 15.53
N PHE A 64 2.89 -9.15 14.62
CA PHE A 64 3.76 -8.82 13.49
C PHE A 64 4.27 -7.40 13.60
N GLY A 65 3.36 -6.42 13.60
CA GLY A 65 3.75 -5.03 13.62
C GLY A 65 4.46 -4.58 14.90
N HIS A 66 3.82 -4.82 16.03
CA HIS A 66 4.32 -4.30 17.31
C HIS A 66 5.72 -4.82 17.64
N PRO A 67 5.92 -6.15 17.61
CA PRO A 67 7.20 -6.74 17.98
C PRO A 67 8.35 -6.12 17.20
N VAL A 68 8.17 -5.99 15.89
CA VAL A 68 9.22 -5.40 15.05
C VAL A 68 9.37 -3.91 15.33
N ALA A 69 8.26 -3.21 15.46
CA ALA A 69 8.29 -1.77 15.69
C ALA A 69 9.06 -1.42 16.96
N LYS A 70 8.85 -2.21 18.00
CA LYS A 70 9.45 -1.93 19.30
C LYS A 70 10.97 -1.87 19.22
N LYS A 71 11.55 -2.67 18.33
CA LYS A 71 12.99 -2.71 18.18
C LYS A 71 13.55 -1.36 17.72
N TYR A 72 12.70 -0.55 17.11
CA TYR A 72 13.14 0.75 16.60
C TYR A 72 12.53 1.91 17.37
N LEU A 73 12.05 1.63 18.58
CA LEU A 73 11.52 2.69 19.43
C LEU A 73 12.40 2.94 20.64
N LYS A 74 12.57 4.22 20.98
CA LYS A 74 13.34 4.59 22.15
C LYS A 74 12.60 5.65 22.94
N ILE A 75 12.90 5.71 24.24
CA ILE A 75 12.39 6.77 25.08
C ILE A 75 13.46 7.85 25.20
N GLU A 76 13.12 9.05 24.78
CA GLU A 76 14.05 10.16 24.86
C GLU A 76 13.34 11.37 25.44
N ASP A 77 13.81 11.82 26.60
CA ASP A 77 13.23 12.98 27.25
C ASP A 77 11.73 12.73 27.49
N GLY A 78 11.43 11.60 28.10
CA GLY A 78 10.05 11.24 28.44
C GLY A 78 9.16 11.16 27.22
N LYS A 79 9.67 10.55 26.16
CA LYS A 79 8.90 10.43 24.93
C LYS A 79 9.39 9.29 24.04
N LYS A 80 8.61 9.00 23.00
CA LYS A 80 8.94 7.92 22.08
C LYS A 80 9.52 8.52 20.82
N ILE A 81 10.54 7.85 20.27
CA ILE A 81 11.13 8.28 19.01
C ILE A 81 11.70 7.07 18.26
N PHE A 82 11.44 7.00 16.96
CA PHE A 82 11.95 5.92 16.13
C PHE A 82 13.39 6.19 15.72
N ILE A 83 14.19 5.15 15.65
CA ILE A 83 15.58 5.29 15.23
C ILE A 83 16.01 4.20 14.25
N ASN A 84 17.05 4.48 13.48
CA ASN A 84 17.55 3.51 12.52
C ASN A 84 16.48 3.13 11.50
N MET A 85 15.62 4.11 11.17
CA MET A 85 14.49 3.85 10.29
C MET A 85 14.91 3.59 8.85
N GLU A 86 16.21 3.71 8.57
CA GLU A 86 16.73 3.28 7.28
C GLU A 86 16.68 1.76 7.18
N LYS A 87 16.45 1.11 8.32
CA LYS A 87 16.17 -0.31 8.36
C LYS A 87 14.76 -0.50 8.90
N GLY A 88 14.42 0.31 9.90
CA GLY A 88 13.15 0.20 10.60
C GLY A 88 11.92 0.29 9.72
N PHE A 89 11.87 1.30 8.86
CA PHE A 89 10.69 1.50 8.02
C PHE A 89 10.37 0.24 7.23
N TRP A 90 11.33 -0.24 6.45
CA TRP A 90 11.12 -1.46 5.68
C TRP A 90 10.76 -2.65 6.56
N GLU A 91 11.54 -2.85 7.63
CA GLU A 91 11.29 -3.97 8.56
C GLU A 91 9.82 -4.07 8.99
N ILE A 92 9.24 -2.93 9.35
CA ILE A 92 7.85 -2.90 9.81
C ILE A 92 6.88 -3.10 8.65
N GLN A 93 7.18 -2.46 7.53
CA GLN A 93 6.45 -2.71 6.30
C GLN A 93 6.45 -4.20 5.99
N ARG A 94 7.65 -4.80 5.98
CA ARG A 94 7.79 -6.20 5.62
C ARG A 94 6.88 -7.09 6.48
N ALA A 95 6.96 -6.93 7.79
CA ALA A 95 6.17 -7.75 8.71
C ALA A 95 4.67 -7.57 8.51
N MET A 96 4.24 -6.32 8.39
CA MET A 96 2.82 -6.02 8.13
C MET A 96 2.37 -6.61 6.79
N ARG A 97 3.18 -6.45 5.75
CA ARG A 97 2.86 -7.04 4.45
C ARG A 97 2.60 -8.55 4.51
N ARG A 98 3.36 -9.25 5.34
CA ARG A 98 3.15 -10.68 5.55
C ARG A 98 1.78 -10.96 6.16
N PHE A 99 1.51 -10.31 7.30
CA PHE A 99 0.23 -10.48 7.96
C PHE A 99 -0.93 -10.20 7.00
N ASN A 100 -0.82 -9.09 6.27
CA ASN A 100 -1.84 -8.70 5.31
C ASN A 100 -2.05 -9.79 4.27
N ASN A 101 -0.96 -10.35 3.77
CA ASN A 101 -1.03 -11.47 2.81
C ASN A 101 -1.79 -12.67 3.36
N ILE A 102 -1.38 -13.11 4.54
CA ILE A 102 -2.01 -14.24 5.21
C ILE A 102 -3.51 -14.02 5.39
N ILE A 103 -3.88 -12.84 5.86
CA ILE A 103 -5.29 -12.50 6.06
C ILE A 103 -6.06 -12.46 4.75
N ILE A 104 -5.51 -11.75 3.77
CA ILE A 104 -6.18 -11.64 2.47
C ILE A 104 -6.24 -12.97 1.72
N ASP A 105 -5.14 -13.73 1.69
CA ASP A 105 -5.17 -15.03 1.04
C ASP A 105 -6.31 -15.88 1.60
N THR A 106 -6.43 -15.88 2.92
CA THR A 106 -7.50 -16.64 3.57
C THR A 106 -8.85 -16.11 3.12
N LEU A 107 -9.10 -14.83 3.33
CA LEU A 107 -10.38 -14.24 2.94
C LEU A 107 -10.72 -14.61 1.50
N GLN A 108 -9.71 -14.66 0.65
CA GLN A 108 -9.90 -15.06 -0.74
C GLN A 108 -10.24 -16.55 -0.85
N SER A 109 -9.60 -17.38 -0.03
CA SER A 109 -9.85 -18.81 -0.07
C SER A 109 -11.30 -19.13 0.27
N TYR A 110 -12.07 -18.09 0.60
CA TYR A 110 -13.53 -18.24 0.73
C TYR A 110 -14.23 -17.33 -0.26
N ASP A 111 -13.53 -17.00 -1.33
CA ASP A 111 -14.11 -16.21 -2.42
C ASP A 111 -14.64 -14.86 -1.96
N ILE A 112 -13.99 -14.30 -0.95
CA ILE A 112 -14.22 -12.91 -0.54
C ILE A 112 -13.26 -12.04 -1.33
N PRO A 113 -13.78 -11.08 -2.08
CA PRO A 113 -12.95 -10.30 -2.99
C PRO A 113 -12.03 -9.29 -2.28
N ALA A 114 -11.15 -9.78 -1.43
CA ALA A 114 -10.28 -8.90 -0.65
C ALA A 114 -9.11 -8.31 -1.47
N VAL A 115 -8.84 -7.02 -1.27
CA VAL A 115 -7.70 -6.36 -1.87
C VAL A 115 -6.87 -5.66 -0.79
N SER A 116 -5.61 -5.37 -1.09
CA SER A 116 -4.69 -4.82 -0.09
C SER A 116 -4.59 -3.30 -0.11
N ILE A 117 -4.72 -2.68 1.06
CA ILE A 117 -4.44 -1.26 1.20
C ILE A 117 -3.27 -1.06 2.17
N GLN A 118 -2.17 -0.51 1.64
CA GLN A 118 -0.94 -0.38 2.42
C GLN A 118 -0.65 1.08 2.73
N PRO A 119 -1.08 1.53 3.92
CA PRO A 119 -1.00 2.93 4.34
C PRO A 119 0.41 3.49 4.25
N SER A 120 1.39 2.64 4.54
CA SER A 120 2.78 3.08 4.58
C SER A 120 3.23 3.80 3.30
N SER A 121 2.53 3.54 2.19
CA SER A 121 2.99 4.04 0.90
C SER A 121 2.52 5.45 0.57
N PHE A 122 1.39 5.87 1.11
CA PHE A 122 0.80 7.13 0.68
C PHE A 122 0.27 8.00 1.80
N VAL A 123 0.12 7.41 2.99
CA VAL A 123 -0.43 8.14 4.12
C VAL A 123 0.62 8.94 4.87
N VAL A 124 0.29 10.19 5.17
CA VAL A 124 1.15 11.03 5.99
C VAL A 124 0.43 11.37 7.30
N PHE A 125 1.07 11.12 8.42
CA PHE A 125 0.46 11.36 9.71
C PHE A 125 0.70 12.78 10.21
N GLY A 126 -0.29 13.66 10.03
CA GLY A 126 -0.20 15.01 10.57
C GLY A 126 -1.26 15.22 11.63
N ASP A 127 -1.37 16.45 12.14
CA ASP A 127 -2.47 16.79 13.02
C ASP A 127 -3.76 16.35 12.33
N LYS A 128 -3.76 16.46 11.01
CA LYS A 128 -4.78 15.82 10.20
C LYS A 128 -4.10 14.77 9.32
N LEU A 129 -4.77 13.65 9.11
CA LEU A 129 -4.25 12.62 8.24
C LEU A 129 -4.25 13.07 6.78
N ILE A 130 -3.16 12.80 6.08
CA ILE A 130 -3.17 12.89 4.63
C ILE A 130 -3.32 11.47 4.10
N PHE A 131 -4.48 11.18 3.53
CA PHE A 131 -4.91 9.82 3.27
C PHE A 131 -5.89 9.82 2.11
N ASP A 132 -5.36 9.76 0.90
CA ASP A 132 -6.22 9.77 -0.28
C ASP A 132 -7.06 8.51 -0.32
N THR A 133 -8.37 8.68 -0.36
CA THR A 133 -9.29 7.54 -0.38
C THR A 133 -9.96 7.35 -1.74
N SER A 134 -9.39 7.95 -2.78
CA SER A 134 -9.97 7.84 -4.12
C SER A 134 -10.09 6.38 -4.56
N ALA A 135 -8.96 5.68 -4.55
CA ALA A 135 -8.91 4.30 -5.03
C ALA A 135 -9.84 3.39 -4.23
N ILE A 136 -9.89 3.61 -2.92
CA ILE A 136 -10.77 2.82 -2.08
C ILE A 136 -12.22 2.95 -2.53
N LYS A 137 -12.63 4.18 -2.80
CA LYS A 137 -13.98 4.47 -3.28
C LYS A 137 -14.27 3.71 -4.57
N GLU A 138 -13.34 3.77 -5.51
CA GLU A 138 -13.52 3.06 -6.77
C GLU A 138 -13.59 1.55 -6.54
N MET A 139 -12.76 1.04 -5.63
CA MET A 139 -12.76 -0.38 -5.32
C MET A 139 -14.11 -0.80 -4.77
N LEU A 140 -14.65 -0.01 -3.84
CA LEU A 140 -15.95 -0.32 -3.27
C LEU A 140 -17.00 -0.24 -4.37
N LYS A 141 -16.87 0.78 -5.21
CA LYS A 141 -17.75 0.94 -6.36
C LYS A 141 -17.84 -0.34 -7.19
N ARG A 142 -16.75 -1.10 -7.22
CA ARG A 142 -16.68 -2.32 -8.03
C ARG A 142 -16.81 -3.58 -7.20
N ASN A 143 -17.33 -3.43 -5.98
CA ASN A 143 -17.68 -4.58 -5.16
C ASN A 143 -16.48 -5.33 -4.57
N LEU A 144 -15.30 -4.71 -4.62
CA LEU A 144 -14.12 -5.31 -4.00
C LEU A 144 -14.16 -5.04 -2.49
N VAL A 145 -13.47 -5.86 -1.71
CA VAL A 145 -13.37 -5.66 -0.27
C VAL A 145 -11.97 -5.17 0.11
N PRO A 146 -11.82 -3.85 0.29
CA PRO A 146 -10.55 -3.25 0.65
C PRO A 146 -10.14 -3.64 2.06
N VAL A 147 -8.95 -4.21 2.21
CA VAL A 147 -8.44 -4.56 3.53
C VAL A 147 -7.28 -3.66 3.92
N ILE A 148 -7.54 -2.76 4.87
CA ILE A 148 -6.53 -1.83 5.38
C ILE A 148 -5.92 -2.39 6.67
N HIS A 149 -4.64 -2.10 6.88
CA HIS A 149 -3.99 -2.57 8.09
C HIS A 149 -3.19 -1.47 8.78
N GLY A 150 -3.01 -1.61 10.08
CA GLY A 150 -2.10 -0.73 10.80
C GLY A 150 -0.73 -0.81 10.15
N ASP A 151 0.02 0.28 10.22
CA ASP A 151 1.26 0.36 9.48
C ASP A 151 2.16 1.45 10.05
N ILE A 152 3.43 1.41 9.66
CA ILE A 152 4.33 2.54 9.90
C ILE A 152 4.07 3.62 8.86
N VAL A 153 4.22 4.88 9.25
CA VAL A 153 4.11 5.98 8.30
C VAL A 153 4.99 7.16 8.70
N ILE A 154 5.35 7.98 7.73
CA ILE A 154 6.08 9.20 8.02
C ILE A 154 5.10 10.27 8.48
N ASP A 155 5.56 11.19 9.32
CA ASP A 155 4.75 12.33 9.72
C ASP A 155 5.23 13.56 8.95
N ASP A 156 4.62 14.70 9.21
CA ASP A 156 5.00 15.94 8.56
C ASP A 156 5.91 16.77 9.47
N LYS A 157 6.61 16.09 10.37
CA LYS A 157 7.51 16.75 11.31
C LYS A 157 8.81 15.98 11.50
N ASN A 158 9.53 15.74 10.42
CA ASN A 158 10.84 15.08 10.50
C ASN A 158 10.80 13.73 11.20
N GLY A 159 9.62 13.18 11.42
CA GLY A 159 9.52 11.94 12.17
C GLY A 159 8.68 10.83 11.57
N TYR A 160 8.39 9.81 12.37
CA TYR A 160 7.56 8.69 11.97
C TYR A 160 6.49 8.45 13.01
N ARG A 161 5.44 7.73 12.62
CA ARG A 161 4.30 7.49 13.51
C ARG A 161 3.67 6.16 13.15
N ILE A 162 3.19 5.43 14.16
CA ILE A 162 2.43 4.21 13.90
C ILE A 162 0.97 4.55 13.72
N ILE A 163 0.40 4.16 12.59
CA ILE A 163 -1.02 4.35 12.35
C ILE A 163 -1.76 3.03 12.60
N SER A 164 -2.72 3.06 13.51
CA SER A 164 -3.42 1.83 13.90
C SER A 164 -4.84 1.81 13.38
N GLY A 165 -5.53 0.69 13.63
CA GLY A 165 -6.93 0.57 13.28
C GLY A 165 -7.74 1.69 13.90
N ASP A 166 -7.42 2.02 15.15
CA ASP A 166 -8.09 3.11 15.85
C ASP A 166 -8.01 4.43 15.09
N ASP A 167 -6.85 4.72 14.51
CA ASP A 167 -6.70 5.92 13.69
C ASP A 167 -7.42 5.75 12.35
N ILE A 168 -7.37 4.55 11.79
CA ILE A 168 -7.88 4.31 10.45
C ILE A 168 -9.41 4.27 10.38
N VAL A 169 -10.04 3.65 11.36
CA VAL A 169 -11.48 3.44 11.32
C VAL A 169 -12.24 4.76 11.35
N PRO A 170 -12.06 5.54 12.43
CA PRO A 170 -12.69 6.83 12.58
C PRO A 170 -12.46 7.69 11.36
N TYR A 171 -11.21 7.76 10.90
CA TYR A 171 -10.91 8.57 9.73
C TYR A 171 -11.76 8.17 8.52
N LEU A 172 -11.80 6.87 8.22
CA LEU A 172 -12.57 6.40 7.08
C LEU A 172 -14.07 6.56 7.29
N ALA A 173 -14.53 6.36 8.53
CA ALA A 173 -15.94 6.49 8.85
C ALA A 173 -16.41 7.87 8.41
N ASN A 174 -15.56 8.85 8.68
CA ASN A 174 -15.79 10.22 8.27
C ASN A 174 -15.69 10.33 6.76
N GLU A 175 -14.46 10.21 6.27
CA GLU A 175 -14.17 10.35 4.85
C GLU A 175 -15.22 9.71 3.95
N LEU A 176 -15.53 8.44 4.21
CA LEU A 176 -16.42 7.69 3.33
C LEU A 176 -17.86 7.71 3.82
N LYS A 177 -18.10 8.37 4.96
CA LYS A 177 -19.44 8.44 5.51
C LYS A 177 -20.03 7.05 5.67
N ALA A 178 -19.49 6.29 6.62
CA ALA A 178 -19.96 4.95 6.87
C ALA A 178 -21.31 4.97 7.58
N ASP A 179 -22.00 3.84 7.54
CA ASP A 179 -23.30 3.70 8.19
C ASP A 179 -23.19 2.85 9.45
N LEU A 180 -22.29 1.88 9.42
CA LEU A 180 -22.13 0.95 10.54
C LEU A 180 -20.65 0.71 10.86
N ILE A 181 -20.30 0.83 12.13
CA ILE A 181 -18.94 0.54 12.56
C ILE A 181 -18.93 -0.70 13.45
N LEU A 182 -18.16 -1.70 13.06
CA LEU A 182 -18.10 -2.93 13.82
C LEU A 182 -16.75 -3.13 14.50
N TYR A 183 -16.78 -3.21 15.83
CA TYR A 183 -15.57 -3.46 16.60
C TYR A 183 -15.53 -4.88 17.15
N ALA A 184 -14.90 -5.78 16.43
CA ALA A 184 -14.67 -7.13 16.92
C ALA A 184 -13.53 -7.07 17.92
N THR A 185 -13.81 -7.43 19.18
CA THR A 185 -12.83 -7.30 20.24
C THR A 185 -12.70 -8.59 21.03
N ASP A 186 -11.89 -8.55 22.09
CA ASP A 186 -11.70 -9.69 22.96
C ASP A 186 -12.74 -9.73 24.09
N VAL A 187 -13.69 -8.82 24.05
CA VAL A 187 -14.70 -8.73 25.11
C VAL A 187 -16.13 -8.68 24.57
N ASP A 188 -17.08 -9.03 25.43
CA ASP A 188 -18.49 -9.11 25.04
C ASP A 188 -19.10 -7.76 24.68
N GLY A 189 -18.44 -6.68 25.08
CA GLY A 189 -18.92 -5.33 24.82
C GLY A 189 -18.33 -4.35 25.82
N VAL A 190 -18.90 -3.15 25.89
CA VAL A 190 -18.49 -2.18 26.91
C VAL A 190 -18.94 -2.66 28.27
N LEU A 191 -18.01 -3.21 29.04
CA LEU A 191 -18.34 -3.86 30.29
C LEU A 191 -18.64 -2.87 31.42
N ILE A 192 -19.83 -2.99 32.00
CA ILE A 192 -20.20 -2.24 33.19
C ILE A 192 -20.60 -3.24 34.27
N ASP A 193 -19.69 -3.50 35.20
CA ASP A 193 -19.92 -4.54 36.20
C ASP A 193 -19.79 -5.91 35.54
N ASN A 194 -18.72 -6.08 34.76
CA ASN A 194 -18.54 -7.27 33.95
C ASN A 194 -19.80 -7.64 33.18
N LYS A 195 -20.45 -6.63 32.60
CA LYS A 195 -21.67 -6.86 31.84
C LYS A 195 -21.80 -5.85 30.69
N PRO A 196 -21.84 -6.35 29.46
CA PRO A 196 -21.97 -5.46 28.30
C PRO A 196 -23.25 -4.65 28.36
N ILE A 197 -23.12 -3.33 28.44
CA ILE A 197 -24.30 -2.48 28.41
C ILE A 197 -24.94 -2.58 27.03
N LYS A 198 -26.26 -2.74 26.99
CA LYS A 198 -26.96 -2.98 25.75
C LYS A 198 -26.85 -1.83 24.77
N ARG A 199 -27.27 -0.66 25.20
CA ARG A 199 -27.31 0.51 24.32
C ARG A 199 -26.59 1.71 24.91
N ILE A 200 -25.95 2.48 24.04
CA ILE A 200 -25.36 3.75 24.42
C ILE A 200 -25.81 4.81 23.43
N ASP A 201 -26.42 5.87 23.94
CA ASP A 201 -26.92 6.95 23.09
C ASP A 201 -26.85 8.30 23.80
N LYS A 202 -27.36 9.33 23.13
CA LYS A 202 -27.30 10.70 23.65
C LYS A 202 -28.11 10.89 24.95
N ASN A 203 -28.52 9.79 25.55
CA ASN A 203 -29.21 9.87 26.84
C ASN A 203 -28.44 9.19 27.95
N ASN A 204 -27.23 8.74 27.64
CA ASN A 204 -26.41 8.08 28.65
C ASN A 204 -24.92 8.08 28.34
N ILE A 205 -24.54 8.58 27.17
CA ILE A 205 -23.14 8.50 26.77
C ILE A 205 -22.23 9.07 27.85
N TYR A 206 -22.40 10.36 28.15
CA TYR A 206 -21.64 11.01 29.21
C TYR A 206 -21.69 10.19 30.49
N LYS A 207 -22.86 9.70 30.85
CA LYS A 207 -22.99 8.90 32.06
C LYS A 207 -22.09 7.67 31.95
N ILE A 208 -21.87 7.24 30.71
CA ILE A 208 -21.08 6.04 30.45
C ILE A 208 -19.60 6.38 30.42
N LEU A 209 -19.26 7.44 29.69
CA LEU A 209 -17.88 7.90 29.65
C LEU A 209 -17.33 8.07 31.06
N ASN A 210 -18.05 8.82 31.89
CA ASN A 210 -17.62 9.04 33.27
C ASN A 210 -17.30 7.74 34.00
N TYR A 211 -18.19 6.75 33.90
CA TYR A 211 -17.95 5.46 34.53
C TYR A 211 -16.69 4.82 33.96
N LEU A 212 -16.56 4.87 32.65
CA LEU A 212 -15.39 4.29 32.00
C LEU A 212 -14.12 4.91 32.55
N SER A 213 -14.21 6.16 32.99
CA SER A 213 -13.08 6.89 33.52
C SER A 213 -12.83 6.61 35.01
N GLY A 214 -13.82 6.01 35.67
CA GLY A 214 -13.73 5.75 37.11
C GLY A 214 -12.69 4.70 37.49
N SER A 215 -12.77 4.21 38.72
CA SER A 215 -11.80 3.24 39.21
C SER A 215 -12.34 1.81 39.20
N ASN A 216 -13.65 1.67 38.99
CA ASN A 216 -14.27 0.35 38.91
C ASN A 216 -14.53 -0.09 37.47
N SER A 217 -13.93 0.64 36.53
CA SER A 217 -14.02 0.31 35.12
C SER A 217 -13.08 -0.84 34.78
N ILE A 218 -13.52 -1.71 33.88
CA ILE A 218 -12.70 -2.85 33.44
C ILE A 218 -11.68 -2.45 32.37
N ASP A 219 -12.02 -1.43 31.59
CA ASP A 219 -11.08 -0.89 30.61
C ASP A 219 -10.55 0.47 31.05
N VAL A 220 -9.31 0.49 31.51
CA VAL A 220 -8.68 1.72 31.96
C VAL A 220 -7.68 2.24 30.94
N THR A 221 -7.68 1.60 29.76
CA THR A 221 -6.78 1.97 28.69
C THR A 221 -7.43 3.07 27.86
N GLY A 222 -8.67 3.41 28.21
CA GLY A 222 -9.43 4.43 27.48
C GLY A 222 -9.85 3.95 26.11
N GLY A 223 -9.77 2.64 25.88
CA GLY A 223 -10.11 2.06 24.59
C GLY A 223 -11.55 2.26 24.17
N MET A 224 -12.47 1.71 24.96
CA MET A 224 -13.90 1.82 24.66
C MET A 224 -14.34 3.28 24.52
N LYS A 225 -13.83 4.14 25.39
CA LYS A 225 -14.18 5.55 25.39
C LYS A 225 -13.92 6.16 24.03
N TYR A 226 -12.77 5.83 23.46
CA TYR A 226 -12.38 6.40 22.18
C TYR A 226 -13.31 5.92 21.08
N LYS A 227 -13.67 4.64 21.12
CA LYS A 227 -14.56 4.08 20.13
C LYS A 227 -15.94 4.72 20.21
N ILE A 228 -16.45 4.86 21.42
CA ILE A 228 -17.76 5.47 21.62
C ILE A 228 -17.82 6.90 21.08
N GLU A 229 -16.79 7.68 21.38
CA GLU A 229 -16.77 9.09 21.03
C GLU A 229 -16.72 9.34 19.52
N MET A 230 -15.99 8.49 18.79
CA MET A 230 -15.87 8.63 17.35
C MET A 230 -17.17 8.25 16.64
N ILE A 231 -17.81 7.19 17.15
CA ILE A 231 -19.13 6.83 16.64
C ILE A 231 -20.05 8.02 16.82
N ARG A 232 -20.06 8.57 18.03
CA ARG A 232 -20.86 9.74 18.35
C ARG A 232 -20.44 10.93 17.49
N LYS A 233 -19.16 11.03 17.20
CA LYS A 233 -18.66 12.13 16.39
C LYS A 233 -19.01 11.97 14.91
N ASN A 234 -19.22 10.72 14.49
CA ASN A 234 -19.65 10.46 13.11
C ASN A 234 -21.14 10.18 13.03
N LYS A 235 -21.90 10.79 13.93
CA LYS A 235 -23.34 10.58 13.96
C LYS A 235 -23.71 9.34 13.16
N CYS A 236 -23.20 8.19 13.59
CA CYS A 236 -23.54 6.92 12.97
C CYS A 236 -23.83 5.87 14.03
N ARG A 237 -23.61 4.61 13.67
CA ARG A 237 -23.94 3.50 14.55
C ARG A 237 -22.82 2.48 14.56
N GLY A 238 -22.63 1.82 15.70
CA GLY A 238 -21.55 0.86 15.81
C GLY A 238 -21.83 -0.22 16.84
N PHE A 239 -21.08 -1.31 16.75
CA PHE A 239 -21.23 -2.40 17.70
C PHE A 239 -19.88 -2.77 18.28
N VAL A 240 -19.87 -3.09 19.56
CA VAL A 240 -18.69 -3.60 20.21
C VAL A 240 -19.02 -4.99 20.74
N PHE A 241 -18.35 -6.00 20.21
CA PHE A 241 -18.71 -7.38 20.51
C PHE A 241 -17.49 -8.28 20.58
N ASN A 242 -17.71 -9.50 21.04
CA ASN A 242 -16.66 -10.50 21.08
C ASN A 242 -16.53 -11.18 19.72
N GLY A 243 -15.36 -11.03 19.11
CA GLY A 243 -15.12 -11.61 17.79
C GLY A 243 -14.61 -13.04 17.91
N ASN A 244 -14.49 -13.52 19.13
CA ASN A 244 -14.06 -14.90 19.37
C ASN A 244 -15.24 -15.86 19.43
N LYS A 245 -16.44 -15.33 19.53
CA LYS A 245 -17.62 -16.18 19.65
C LYS A 245 -18.23 -16.50 18.29
N ALA A 246 -18.56 -17.78 18.08
CA ALA A 246 -19.15 -18.25 16.84
C ALA A 246 -20.42 -17.51 16.42
N ASN A 247 -20.39 -16.86 15.26
CA ASN A 247 -21.58 -16.23 14.70
C ASN A 247 -21.75 -14.76 15.07
N ASN A 248 -21.00 -14.29 16.06
CA ASN A 248 -21.08 -12.88 16.43
C ASN A 248 -20.69 -11.98 15.27
N ILE A 249 -19.71 -12.41 14.48
CA ILE A 249 -19.24 -11.61 13.37
C ILE A 249 -20.24 -11.62 12.24
N TYR A 250 -20.87 -12.78 12.04
CA TYR A 250 -21.92 -12.90 11.05
C TYR A 250 -23.13 -12.06 11.45
N LYS A 251 -23.59 -12.24 12.68
CA LYS A 251 -24.70 -11.47 13.19
C LYS A 251 -24.38 -9.98 13.13
N ALA A 252 -23.25 -9.60 13.71
CA ALA A 252 -22.82 -8.22 13.71
C ALA A 252 -22.96 -7.60 12.31
N LEU A 253 -22.47 -8.30 11.30
CA LEU A 253 -22.53 -7.78 9.95
C LEU A 253 -23.96 -7.55 9.49
N LEU A 254 -24.88 -8.39 9.95
CA LEU A 254 -26.30 -8.22 9.61
C LEU A 254 -26.89 -7.07 10.41
N GLY A 255 -26.36 -6.85 11.60
CA GLY A 255 -26.84 -5.77 12.47
C GLY A 255 -27.61 -6.28 13.67
N GLU A 256 -27.27 -7.48 14.14
CA GLU A 256 -28.03 -8.11 15.21
C GLU A 256 -27.16 -8.84 16.23
N VAL A 257 -25.88 -8.51 16.29
CA VAL A 257 -24.98 -9.15 17.25
C VAL A 257 -25.26 -8.65 18.66
N GLU A 258 -25.35 -9.57 19.61
CA GLU A 258 -25.60 -9.21 21.00
C GLU A 258 -24.32 -8.81 21.72
N GLY A 259 -24.12 -7.52 21.94
CA GLY A 259 -22.99 -7.01 22.69
C GLY A 259 -23.31 -5.65 23.27
N THR A 260 -22.77 -4.60 22.67
CA THR A 260 -23.12 -3.24 23.04
C THR A 260 -23.38 -2.40 21.80
N GLU A 261 -24.51 -1.71 21.78
CA GLU A 261 -24.86 -0.85 20.66
C GLU A 261 -24.55 0.61 20.95
N ILE A 262 -24.13 1.35 19.92
CA ILE A 262 -23.80 2.75 20.06
C ILE A 262 -24.46 3.52 18.94
N ASP A 263 -25.51 4.28 19.26
CA ASP A 263 -26.31 4.89 18.22
C ASP A 263 -26.38 6.42 18.30
N PHE A 264 -25.87 7.07 17.27
CA PHE A 264 -25.87 8.52 17.16
C PHE A 264 -26.12 8.97 15.73
N SER A 265 -26.97 8.22 15.03
CA SER A 265 -27.31 8.53 13.65
C SER A 265 -28.61 9.34 13.57
N GLU A 266 -28.60 10.39 12.76
CA GLU A 266 -29.75 11.27 12.64
C GLU A 266 -29.69 12.41 13.66
N MET B 7 20.14 17.15 -7.10
CA MET B 7 19.56 16.57 -5.85
C MET B 7 18.77 15.30 -6.12
N LEU B 8 17.69 15.43 -6.90
CA LEU B 8 16.76 14.31 -7.09
C LEU B 8 16.96 13.56 -8.40
N THR B 9 17.11 12.25 -8.30
CA THR B 9 17.28 11.38 -9.47
C THR B 9 16.28 10.23 -9.46
N ILE B 10 15.83 9.83 -10.64
CA ILE B 10 14.92 8.71 -10.75
C ILE B 10 15.48 7.63 -11.65
N LEU B 11 15.90 6.52 -11.04
CA LEU B 11 16.49 5.42 -11.78
C LEU B 11 15.46 4.32 -11.99
N LYS B 12 15.14 4.04 -13.25
CA LYS B 12 14.21 2.96 -13.56
C LYS B 12 14.94 1.70 -13.94
N LEU B 13 14.59 0.59 -13.28
CA LEU B 13 15.15 -0.70 -13.63
C LEU B 13 14.11 -1.42 -14.47
N GLY B 14 14.31 -1.37 -15.77
CA GLY B 14 13.32 -1.83 -16.69
C GLY B 14 13.33 -3.30 -16.87
N GLY B 15 12.22 -3.81 -17.37
CA GLY B 15 12.07 -5.22 -17.60
C GLY B 15 13.19 -5.94 -18.30
N SER B 16 13.58 -7.01 -17.65
CA SER B 16 14.40 -8.01 -18.24
C SER B 16 15.80 -7.99 -17.81
N ILE B 17 16.20 -6.98 -17.06
CA ILE B 17 17.49 -6.98 -16.48
C ILE B 17 17.35 -7.53 -15.11
N LEU B 18 16.14 -7.54 -14.60
CA LEU B 18 15.89 -8.09 -13.28
C LEU B 18 15.24 -9.46 -13.37
N SER B 19 14.46 -9.66 -14.41
CA SER B 19 13.68 -10.88 -14.56
C SER B 19 13.43 -11.20 -16.01
N ASP B 20 13.70 -12.44 -16.41
CA ASP B 20 13.44 -12.87 -17.78
C ASP B 20 11.95 -12.99 -18.03
N LYS B 21 11.47 -12.34 -19.09
CA LYS B 21 10.04 -12.29 -19.38
C LYS B 21 9.47 -13.65 -19.78
N ASN B 22 10.25 -14.44 -20.49
CA ASN B 22 9.78 -15.74 -20.95
C ASN B 22 9.84 -16.83 -19.90
N VAL B 23 10.00 -16.43 -18.64
CA VAL B 23 10.06 -17.39 -17.53
C VAL B 23 9.31 -16.89 -16.31
N PRO B 24 8.01 -17.22 -16.23
CA PRO B 24 7.13 -16.84 -15.14
C PRO B 24 7.78 -17.04 -13.77
N TYR B 25 7.76 -15.99 -12.96
CA TYR B 25 8.33 -16.04 -11.62
C TYR B 25 9.84 -16.27 -11.62
N SER B 26 10.54 -15.70 -12.59
CA SER B 26 11.98 -15.84 -12.64
C SER B 26 12.66 -14.59 -12.08
N ILE B 27 13.88 -14.77 -11.59
CA ILE B 27 14.66 -13.66 -11.04
C ILE B 27 16.11 -13.82 -11.49
N LYS B 28 16.68 -12.75 -12.01
CA LYS B 28 18.07 -12.76 -12.42
C LYS B 28 18.96 -12.28 -11.27
N TRP B 29 19.26 -13.21 -10.37
CA TRP B 29 19.87 -12.89 -9.08
C TRP B 29 21.21 -12.15 -9.15
N ASP B 30 22.17 -12.71 -9.86
CA ASP B 30 23.48 -12.07 -9.97
C ASP B 30 23.31 -10.63 -10.41
N ASN B 31 22.52 -10.45 -11.47
CA ASN B 31 22.31 -9.14 -12.07
C ASN B 31 21.69 -8.18 -11.07
N LEU B 32 20.66 -8.65 -10.37
CA LEU B 32 20.02 -7.89 -9.32
C LEU B 32 21.02 -7.57 -8.23
N GLU B 33 21.83 -8.55 -7.87
CA GLU B 33 22.83 -8.39 -6.82
C GLU B 33 23.85 -7.32 -7.23
N ARG B 34 24.24 -7.35 -8.49
CA ARG B 34 25.18 -6.36 -9.03
C ARG B 34 24.57 -4.97 -9.10
N ILE B 35 23.38 -4.88 -9.67
CA ILE B 35 22.69 -3.62 -9.81
C ILE B 35 22.57 -2.92 -8.47
N ALA B 36 22.21 -3.69 -7.45
CA ALA B 36 22.09 -3.15 -6.10
C ALA B 36 23.43 -2.63 -5.59
N MET B 37 24.50 -3.35 -5.90
CA MET B 37 25.84 -2.96 -5.47
C MET B 37 26.28 -1.63 -6.07
N GLU B 38 26.05 -1.47 -7.37
CA GLU B 38 26.44 -0.26 -8.07
C GLU B 38 25.69 0.97 -7.55
N ILE B 39 24.42 0.76 -7.16
CA ILE B 39 23.63 1.83 -6.57
C ILE B 39 24.21 2.25 -5.23
N LYS B 40 24.69 1.27 -4.46
CA LYS B 40 25.34 1.55 -3.18
C LYS B 40 26.64 2.30 -3.38
N ASN B 41 27.53 1.73 -4.20
CA ASN B 41 28.79 2.39 -4.50
C ASN B 41 28.56 3.81 -4.99
N ALA B 42 27.46 4.03 -5.71
CA ALA B 42 27.12 5.36 -6.20
C ALA B 42 26.76 6.29 -5.05
N LEU B 43 25.77 5.89 -4.25
CA LEU B 43 25.36 6.69 -3.10
C LEU B 43 26.55 7.00 -2.21
N ASP B 44 27.42 6.01 -2.01
CA ASP B 44 28.63 6.23 -1.22
C ASP B 44 29.50 7.33 -1.80
N TYR B 45 29.83 7.20 -3.07
CA TYR B 45 30.64 8.18 -3.77
C TYR B 45 30.21 9.61 -3.40
N TYR B 46 28.91 9.85 -3.43
CA TYR B 46 28.38 11.18 -3.13
C TYR B 46 28.50 11.56 -1.66
N LYS B 47 28.43 10.56 -0.78
CA LYS B 47 28.57 10.82 0.65
C LYS B 47 29.94 11.41 0.97
N ASN B 48 30.93 11.10 0.15
CA ASN B 48 32.26 11.69 0.29
C ASN B 48 32.25 13.14 -0.19
N GLN B 49 31.86 13.35 -1.45
CA GLN B 49 31.75 14.69 -1.99
C GLN B 49 30.84 15.53 -1.10
N ASN B 50 30.24 14.90 -0.10
CA ASN B 50 29.28 15.57 0.76
C ASN B 50 28.18 16.25 -0.04
N LYS B 51 27.64 15.54 -1.03
CA LYS B 51 26.54 16.06 -1.83
C LYS B 51 25.24 15.32 -1.51
N GLU B 52 24.22 16.08 -1.11
CA GLU B 52 22.90 15.54 -0.82
C GLU B 52 22.21 15.07 -2.11
N ILE B 53 22.04 13.76 -2.23
CA ILE B 53 21.43 13.18 -3.42
C ILE B 53 20.20 12.32 -3.09
N LYS B 54 19.02 12.85 -3.40
CA LYS B 54 17.76 12.13 -3.17
C LYS B 54 17.45 11.17 -4.32
N LEU B 55 17.17 9.91 -4.00
CA LEU B 55 17.01 8.90 -5.03
C LEU B 55 15.68 8.14 -4.98
N ILE B 56 15.06 7.97 -6.13
CA ILE B 56 13.87 7.13 -6.25
C ILE B 56 14.15 5.97 -7.19
N LEU B 57 13.48 4.85 -6.98
CA LEU B 57 13.70 3.66 -7.81
C LEU B 57 12.40 3.09 -8.36
N VAL B 58 12.44 2.71 -9.63
CA VAL B 58 11.28 2.12 -10.28
C VAL B 58 11.65 0.83 -11.01
N HIS B 59 10.84 -0.21 -10.80
CA HIS B 59 10.99 -1.44 -11.57
C HIS B 59 9.66 -1.84 -12.21
N GLY B 60 9.72 -2.73 -13.19
CA GLY B 60 8.52 -3.16 -13.91
C GLY B 60 7.85 -4.36 -13.29
N GLY B 61 7.05 -5.06 -14.08
CA GLY B 61 6.35 -6.26 -13.62
C GLY B 61 7.09 -7.52 -14.02
N GLY B 62 8.12 -7.35 -14.85
CA GLY B 62 8.94 -8.47 -15.30
C GLY B 62 8.18 -9.79 -15.36
N ALA B 63 8.83 -10.84 -14.87
CA ALA B 63 8.28 -12.19 -14.94
C ALA B 63 7.27 -12.44 -13.83
N PHE B 64 6.72 -11.37 -13.28
CA PHE B 64 5.75 -11.48 -12.21
C PHE B 64 4.44 -10.82 -12.59
N GLY B 65 4.49 -9.51 -12.77
CA GLY B 65 3.31 -8.73 -13.13
C GLY B 65 2.59 -9.34 -14.32
N HIS B 66 3.28 -9.35 -15.46
CA HIS B 66 2.69 -9.79 -16.72
C HIS B 66 2.09 -11.19 -16.63
N PRO B 67 2.94 -12.22 -16.43
CA PRO B 67 2.42 -13.57 -16.43
C PRO B 67 1.08 -13.69 -15.72
N VAL B 68 1.00 -13.24 -14.47
CA VAL B 68 -0.23 -13.38 -13.69
C VAL B 68 -1.39 -12.57 -14.27
N ALA B 69 -1.09 -11.36 -14.75
CA ALA B 69 -2.10 -10.55 -15.41
C ALA B 69 -2.71 -11.34 -16.57
N LYS B 70 -1.89 -11.64 -17.56
CA LYS B 70 -2.32 -12.40 -18.73
C LYS B 70 -3.45 -13.36 -18.40
N LYS B 71 -3.55 -13.79 -17.15
CA LYS B 71 -4.57 -14.74 -16.75
C LYS B 71 -5.95 -14.10 -16.64
N TYR B 72 -5.99 -12.78 -16.45
CA TYR B 72 -7.27 -12.08 -16.27
C TYR B 72 -7.52 -11.04 -17.37
N LEU B 73 -6.72 -11.12 -18.42
CA LEU B 73 -6.91 -10.29 -19.61
C LEU B 73 -7.48 -11.16 -20.73
N LYS B 74 -8.70 -10.83 -21.17
CA LYS B 74 -9.32 -11.53 -22.28
C LYS B 74 -9.49 -10.61 -23.49
N ILE B 75 -9.21 -11.14 -24.68
CA ILE B 75 -9.38 -10.39 -25.91
C ILE B 75 -10.84 -10.44 -26.40
N GLU B 76 -11.40 -9.28 -26.66
CA GLU B 76 -12.77 -9.19 -27.15
C GLU B 76 -13.01 -7.91 -27.94
N ASP B 77 -13.32 -8.08 -29.22
CA ASP B 77 -13.54 -6.94 -30.11
C ASP B 77 -12.32 -6.02 -30.13
N GLY B 78 -11.13 -6.63 -30.11
CA GLY B 78 -9.88 -5.88 -30.16
C GLY B 78 -9.66 -5.03 -28.93
N LYS B 79 -10.26 -5.43 -27.81
CA LYS B 79 -10.17 -4.67 -26.57
C LYS B 79 -9.56 -5.51 -25.45
N LYS B 80 -8.45 -5.04 -24.89
CA LYS B 80 -7.87 -5.70 -23.72
C LYS B 80 -8.86 -5.61 -22.57
N ILE B 81 -9.37 -6.75 -22.11
CA ILE B 81 -10.41 -6.76 -21.10
C ILE B 81 -10.06 -7.58 -19.86
N PHE B 82 -10.09 -6.91 -18.71
CA PHE B 82 -9.89 -7.59 -17.42
C PHE B 82 -11.17 -8.26 -16.98
N ILE B 83 -11.06 -9.49 -16.47
CA ILE B 83 -12.23 -10.20 -15.96
C ILE B 83 -11.92 -10.84 -14.61
N ASN B 84 -12.95 -11.43 -14.00
CA ASN B 84 -12.79 -12.09 -12.70
C ASN B 84 -11.90 -11.30 -11.76
N MET B 85 -11.98 -9.97 -11.81
CA MET B 85 -11.13 -9.14 -10.99
C MET B 85 -11.41 -9.30 -9.49
N GLU B 86 -12.53 -9.92 -9.15
CA GLU B 86 -12.79 -10.29 -7.77
C GLU B 86 -11.59 -11.10 -7.26
N LYS B 87 -10.93 -11.78 -8.19
CA LYS B 87 -9.79 -12.64 -7.90
C LYS B 87 -8.52 -12.03 -8.50
N GLY B 88 -8.69 -11.35 -9.63
CA GLY B 88 -7.57 -10.85 -10.39
C GLY B 88 -6.79 -9.75 -9.71
N PHE B 89 -7.50 -8.88 -9.00
CA PHE B 89 -6.86 -7.73 -8.39
C PHE B 89 -5.84 -8.16 -7.33
N TRP B 90 -6.27 -9.05 -6.44
CA TRP B 90 -5.38 -9.53 -5.39
C TRP B 90 -4.23 -10.33 -5.96
N GLU B 91 -4.57 -11.24 -6.86
CA GLU B 91 -3.57 -12.15 -7.42
C GLU B 91 -2.48 -11.40 -8.17
N ILE B 92 -2.83 -10.27 -8.78
CA ILE B 92 -1.82 -9.44 -9.45
C ILE B 92 -1.04 -8.62 -8.42
N GLN B 93 -1.76 -8.06 -7.45
CA GLN B 93 -1.12 -7.39 -6.33
C GLN B 93 -0.08 -8.31 -5.70
N ARG B 94 -0.50 -9.53 -5.38
CA ARG B 94 0.33 -10.47 -4.67
C ARG B 94 1.63 -10.72 -5.42
N ALA B 95 1.52 -10.92 -6.73
CA ALA B 95 2.69 -11.17 -7.56
C ALA B 95 3.67 -10.00 -7.53
N MET B 96 3.15 -8.79 -7.70
CA MET B 96 3.97 -7.60 -7.67
C MET B 96 4.59 -7.38 -6.29
N ARG B 97 3.90 -7.86 -5.25
CA ARG B 97 4.41 -7.78 -3.89
C ARG B 97 5.64 -8.68 -3.68
N ARG B 98 5.55 -9.93 -4.15
CA ARG B 98 6.71 -10.81 -4.18
C ARG B 98 7.90 -10.11 -4.82
N PHE B 99 7.76 -9.75 -6.09
CA PHE B 99 8.83 -9.14 -6.84
C PHE B 99 9.36 -7.90 -6.13
N ASN B 100 8.47 -7.18 -5.45
CA ASN B 100 8.85 -5.95 -4.76
C ASN B 100 9.64 -6.23 -3.49
N ASN B 101 9.23 -7.25 -2.75
CA ASN B 101 9.97 -7.70 -1.57
C ASN B 101 11.38 -8.16 -1.94
N ILE B 102 11.47 -9.03 -2.94
CA ILE B 102 12.75 -9.54 -3.39
C ILE B 102 13.72 -8.41 -3.73
N ILE B 103 13.25 -7.44 -4.50
CA ILE B 103 14.08 -6.31 -4.90
C ILE B 103 14.48 -5.45 -3.71
N ILE B 104 13.52 -5.15 -2.84
CA ILE B 104 13.78 -4.28 -1.71
C ILE B 104 14.68 -4.94 -0.67
N ASP B 105 14.49 -6.23 -0.42
CA ASP B 105 15.37 -6.96 0.48
C ASP B 105 16.81 -6.87 0.01
N THR B 106 17.03 -7.14 -1.27
CA THR B 106 18.38 -7.11 -1.84
C THR B 106 19.02 -5.72 -1.68
N LEU B 107 18.25 -4.68 -2.00
CA LEU B 107 18.72 -3.32 -1.82
C LEU B 107 19.05 -3.05 -0.36
N GLN B 108 18.23 -3.59 0.54
CA GLN B 108 18.43 -3.41 1.97
C GLN B 108 19.69 -4.12 2.46
N SER B 109 20.02 -5.25 1.84
CA SER B 109 21.18 -6.02 2.26
C SER B 109 22.47 -5.28 1.90
N TYR B 110 22.36 -4.27 1.05
CA TYR B 110 23.52 -3.42 0.72
C TYR B 110 23.37 -2.10 1.46
N ASP B 111 22.57 -2.13 2.51
CA ASP B 111 22.32 -0.93 3.32
C ASP B 111 21.77 0.23 2.49
N ILE B 112 20.97 -0.09 1.48
CA ILE B 112 20.21 0.92 0.77
C ILE B 112 18.85 1.07 1.44
N PRO B 113 18.56 2.25 1.99
CA PRO B 113 17.35 2.47 2.78
C PRO B 113 16.07 2.45 1.93
N ALA B 114 15.86 1.36 1.21
CA ALA B 114 14.70 1.24 0.32
C ALA B 114 13.39 0.99 1.06
N VAL B 115 12.29 1.47 0.47
CA VAL B 115 10.96 1.26 1.03
C VAL B 115 9.92 1.03 -0.06
N SER B 116 8.88 0.26 0.27
CA SER B 116 7.89 -0.12 -0.73
C SER B 116 6.83 0.94 -1.00
N ILE B 117 6.60 1.20 -2.29
CA ILE B 117 5.49 2.03 -2.74
C ILE B 117 4.60 1.16 -3.61
N GLN B 118 3.37 0.94 -3.15
CA GLN B 118 2.45 0.03 -3.83
C GLN B 118 1.25 0.82 -4.39
N PRO B 119 1.33 1.18 -5.68
CA PRO B 119 0.35 2.02 -6.37
C PRO B 119 -1.07 1.48 -6.28
N SER B 120 -1.23 0.18 -6.48
CA SER B 120 -2.55 -0.45 -6.44
C SER B 120 -3.39 -0.01 -5.24
N SER B 121 -2.74 0.43 -4.17
CA SER B 121 -3.45 0.77 -2.95
C SER B 121 -4.07 2.17 -2.96
N PHE B 122 -3.52 3.06 -3.79
CA PHE B 122 -3.97 4.45 -3.77
C PHE B 122 -4.04 5.17 -5.11
N VAL B 123 -3.30 4.68 -6.12
CA VAL B 123 -3.25 5.36 -7.41
C VAL B 123 -4.46 5.04 -8.30
N VAL B 124 -4.96 6.04 -9.00
CA VAL B 124 -6.12 5.86 -9.86
C VAL B 124 -5.88 6.41 -11.26
N PHE B 125 -6.06 5.54 -12.26
CA PHE B 125 -5.84 5.92 -13.65
C PHE B 125 -7.11 6.46 -14.28
N GLY B 126 -7.06 6.69 -15.59
CA GLY B 126 -8.17 7.32 -16.30
C GLY B 126 -7.90 8.80 -16.49
N ASP B 127 -8.92 9.54 -16.92
CA ASP B 127 -8.79 10.97 -17.14
C ASP B 127 -7.48 11.50 -16.55
N LYS B 128 -7.51 12.11 -15.39
CA LYS B 128 -6.25 12.55 -14.91
C LYS B 128 -5.60 11.40 -14.17
N LEU B 129 -4.37 11.62 -13.75
CA LEU B 129 -3.60 10.65 -12.98
C LEU B 129 -3.60 11.00 -11.49
N ILE B 130 -4.50 10.36 -10.75
CA ILE B 130 -4.61 10.59 -9.32
C ILE B 130 -3.54 9.80 -8.58
N PHE B 131 -2.54 10.49 -8.06
CA PHE B 131 -1.36 9.85 -7.50
C PHE B 131 -0.70 10.79 -6.48
N ASP B 132 -1.15 10.71 -5.24
CA ASP B 132 -0.68 11.60 -4.17
C ASP B 132 0.77 11.32 -3.77
N THR B 133 1.66 12.22 -4.18
CA THR B 133 3.08 12.06 -3.91
C THR B 133 3.48 12.60 -2.53
N SER B 134 2.49 12.98 -1.74
CA SER B 134 2.77 13.51 -0.40
C SER B 134 3.73 12.62 0.39
N ALA B 135 3.39 11.35 0.50
CA ALA B 135 4.20 10.41 1.27
C ALA B 135 5.61 10.32 0.73
N ILE B 136 5.74 10.27 -0.59
CA ILE B 136 7.05 10.17 -1.24
C ILE B 136 7.97 11.35 -0.94
N LYS B 137 7.42 12.56 -0.93
CA LYS B 137 8.22 13.74 -0.65
C LYS B 137 8.83 13.65 0.76
N GLU B 138 7.99 13.28 1.73
CA GLU B 138 8.46 13.10 3.09
C GLU B 138 9.59 12.09 3.14
N MET B 139 9.35 10.90 2.59
CA MET B 139 10.34 9.84 2.60
C MET B 139 11.69 10.37 2.09
N LEU B 140 11.63 11.18 1.05
CA LEU B 140 12.83 11.75 0.47
C LEU B 140 13.49 12.70 1.47
N LYS B 141 12.69 13.46 2.21
CA LYS B 141 13.23 14.33 3.23
C LYS B 141 14.03 13.53 4.26
N ARG B 142 13.75 12.24 4.37
CA ARG B 142 14.50 11.40 5.32
C ARG B 142 15.69 10.72 4.65
N ASN B 143 15.83 10.91 3.34
CA ASN B 143 16.87 10.22 2.58
C ASN B 143 16.60 8.73 2.48
N LEU B 144 15.33 8.35 2.59
CA LEU B 144 14.92 6.98 2.33
C LEU B 144 14.83 6.84 0.83
N VAL B 145 14.92 5.62 0.33
CA VAL B 145 14.80 5.39 -1.10
C VAL B 145 13.53 4.62 -1.45
N PRO B 146 12.48 5.36 -1.84
CA PRO B 146 11.21 4.76 -2.22
C PRO B 146 11.37 3.91 -3.47
N VAL B 147 10.86 2.68 -3.44
CA VAL B 147 10.88 1.81 -4.60
C VAL B 147 9.47 1.56 -5.12
N ILE B 148 9.17 2.11 -6.29
CA ILE B 148 7.85 1.99 -6.89
C ILE B 148 7.88 0.91 -7.95
N HIS B 149 6.76 0.22 -8.13
CA HIS B 149 6.68 -0.88 -9.08
C HIS B 149 5.40 -0.81 -9.91
N GLY B 150 5.50 -1.26 -11.16
CA GLY B 150 4.31 -1.37 -12.00
C GLY B 150 3.31 -2.20 -11.23
N ASP B 151 2.03 -1.92 -11.41
CA ASP B 151 1.02 -2.56 -10.59
C ASP B 151 -0.33 -2.55 -11.29
N ILE B 152 -1.27 -3.33 -10.76
CA ILE B 152 -2.66 -3.18 -11.17
C ILE B 152 -3.22 -1.97 -10.43
N VAL B 153 -4.11 -1.23 -11.10
CA VAL B 153 -4.68 -0.03 -10.48
C VAL B 153 -6.08 0.26 -11.01
N ILE B 154 -6.91 0.82 -10.15
CA ILE B 154 -8.27 1.19 -10.53
C ILE B 154 -8.27 2.26 -11.61
N ASP B 155 -9.25 2.18 -12.52
CA ASP B 155 -9.44 3.20 -13.53
C ASP B 155 -10.88 3.68 -13.54
N ASP B 156 -11.10 4.89 -13.01
CA ASP B 156 -12.45 5.42 -12.83
C ASP B 156 -13.21 5.57 -14.16
N LYS B 157 -12.58 5.18 -15.26
CA LYS B 157 -13.24 5.20 -16.55
C LYS B 157 -13.29 3.82 -17.19
N ASN B 158 -12.15 3.13 -17.19
CA ASN B 158 -12.06 1.78 -17.76
C ASN B 158 -12.15 0.68 -16.70
N GLY B 159 -12.25 1.07 -15.44
CA GLY B 159 -12.37 0.09 -14.36
C GLY B 159 -11.04 -0.44 -13.87
N TYR B 160 -10.27 -1.05 -14.76
CA TYR B 160 -8.96 -1.57 -14.41
C TYR B 160 -7.95 -1.27 -15.50
N ARG B 161 -6.68 -1.18 -15.11
CA ARG B 161 -5.63 -0.79 -16.02
C ARG B 161 -4.29 -1.00 -15.34
N ILE B 162 -3.27 -1.32 -16.12
CA ILE B 162 -1.96 -1.58 -15.55
C ILE B 162 -1.04 -0.39 -15.70
N ILE B 163 -0.84 0.35 -14.62
CA ILE B 163 0.12 1.42 -14.61
C ILE B 163 1.51 0.81 -14.70
N SER B 164 2.38 1.40 -15.50
CA SER B 164 3.73 0.87 -15.67
C SER B 164 4.76 1.92 -15.27
N GLY B 165 6.02 1.54 -15.34
CA GLY B 165 7.11 2.44 -14.99
C GLY B 165 7.13 3.65 -15.89
N ASP B 166 6.85 3.43 -17.17
CA ASP B 166 6.80 4.52 -18.15
C ASP B 166 5.75 5.56 -17.77
N ASP B 167 4.68 5.12 -17.12
CA ASP B 167 3.66 6.03 -16.63
C ASP B 167 4.15 6.73 -15.37
N ILE B 168 4.88 6.00 -14.54
CA ILE B 168 5.24 6.48 -13.22
C ILE B 168 6.41 7.46 -13.26
N VAL B 169 7.49 7.06 -13.93
CA VAL B 169 8.70 7.88 -13.95
C VAL B 169 8.43 9.31 -14.41
N PRO B 170 8.03 9.47 -15.68
CA PRO B 170 7.71 10.80 -16.22
C PRO B 170 6.87 11.59 -15.22
N TYR B 171 5.75 11.03 -14.81
CA TYR B 171 4.89 11.68 -13.84
C TYR B 171 5.69 12.23 -12.66
N LEU B 172 6.36 11.35 -11.93
CA LEU B 172 7.06 11.75 -10.73
C LEU B 172 8.14 12.80 -11.00
N ALA B 173 8.90 12.59 -12.07
CA ALA B 173 9.95 13.53 -12.45
C ALA B 173 9.41 14.95 -12.53
N ASN B 174 8.22 15.10 -13.10
CA ASN B 174 7.58 16.40 -13.19
C ASN B 174 6.98 16.80 -11.85
N GLU B 175 6.23 15.88 -11.25
CA GLU B 175 5.58 16.14 -9.98
C GLU B 175 6.58 16.48 -8.87
N LEU B 176 7.79 15.93 -8.98
CA LEU B 176 8.81 16.11 -7.95
C LEU B 176 9.99 16.94 -8.41
N LYS B 177 9.93 17.45 -9.64
CA LYS B 177 10.97 18.33 -10.15
C LYS B 177 12.34 17.63 -10.17
N ALA B 178 12.37 16.44 -10.75
CA ALA B 178 13.59 15.62 -10.78
C ALA B 178 14.74 16.25 -11.57
N ASP B 179 15.94 16.20 -10.99
CA ASP B 179 17.13 16.78 -11.60
C ASP B 179 17.73 15.88 -12.67
N LEU B 180 17.45 14.59 -12.59
CA LEU B 180 18.05 13.60 -13.47
C LEU B 180 17.21 12.32 -13.51
N ILE B 181 16.84 11.88 -14.71
CA ILE B 181 16.05 10.65 -14.84
C ILE B 181 16.74 9.60 -15.72
N LEU B 182 16.76 8.36 -15.24
CA LEU B 182 17.54 7.32 -15.89
C LEU B 182 16.71 6.08 -16.21
N TYR B 183 16.90 5.55 -17.42
CA TYR B 183 16.21 4.34 -17.85
C TYR B 183 17.20 3.22 -18.11
N ALA B 184 17.29 2.27 -17.18
CA ALA B 184 18.14 1.10 -17.38
C ALA B 184 17.40 0.05 -18.21
N THR B 185 17.96 -0.28 -19.37
CA THR B 185 17.36 -1.25 -20.27
C THR B 185 18.40 -2.27 -20.73
N ASP B 186 17.99 -3.16 -21.64
CA ASP B 186 18.88 -4.20 -22.13
C ASP B 186 19.44 -3.87 -23.51
N VAL B 187 19.19 -2.64 -23.97
CA VAL B 187 19.76 -2.16 -25.22
C VAL B 187 20.61 -0.92 -24.96
N ASP B 188 21.60 -0.69 -25.81
CA ASP B 188 22.57 0.39 -25.61
C ASP B 188 21.95 1.78 -25.72
N GLY B 189 20.63 1.84 -25.72
CA GLY B 189 19.92 3.11 -25.87
C GLY B 189 18.80 2.95 -26.87
N VAL B 190 18.29 4.07 -27.38
CA VAL B 190 17.26 4.02 -28.42
C VAL B 190 17.89 3.65 -29.76
N LEU B 191 17.48 2.52 -30.30
CA LEU B 191 18.07 1.98 -31.52
C LEU B 191 17.40 2.49 -32.80
N ILE B 192 18.19 3.14 -33.66
CA ILE B 192 17.71 3.53 -34.97
C ILE B 192 18.50 2.80 -36.04
N ASP B 193 17.80 2.06 -36.90
CA ASP B 193 18.48 1.27 -37.92
C ASP B 193 19.46 0.32 -37.24
N ASN B 194 19.22 0.06 -35.96
CA ASN B 194 20.05 -0.86 -35.20
C ASN B 194 21.26 -0.15 -34.58
N LYS B 195 21.13 1.16 -34.40
CA LYS B 195 22.19 1.95 -33.79
C LYS B 195 21.60 2.94 -32.80
N PRO B 196 22.30 3.14 -31.66
CA PRO B 196 21.84 4.05 -30.63
C PRO B 196 22.16 5.50 -30.95
N ILE B 197 21.13 6.30 -31.20
CA ILE B 197 21.33 7.73 -31.40
C ILE B 197 21.86 8.36 -30.12
N LYS B 198 22.78 9.29 -30.24
CA LYS B 198 23.35 9.93 -29.08
C LYS B 198 22.37 10.90 -28.42
N ARG B 199 21.40 11.38 -29.21
CA ARG B 199 20.47 12.39 -28.69
C ARG B 199 19.09 12.39 -29.35
N ILE B 200 18.14 13.06 -28.70
CA ILE B 200 16.79 13.23 -29.23
C ILE B 200 16.21 14.53 -28.67
N ASP B 201 15.92 15.48 -29.56
CA ASP B 201 15.53 16.83 -29.14
C ASP B 201 14.16 17.24 -29.68
N LYS B 202 14.13 18.34 -30.42
CA LYS B 202 12.91 18.84 -31.03
C LYS B 202 13.07 18.86 -32.54
N ASN B 203 14.27 18.54 -33.00
CA ASN B 203 14.60 18.55 -34.43
C ASN B 203 14.38 17.19 -35.08
N ASN B 204 15.27 16.26 -34.78
CA ASN B 204 15.23 14.92 -35.36
C ASN B 204 14.05 14.08 -34.84
N ILE B 205 13.35 14.59 -33.85
CA ILE B 205 12.24 13.87 -33.26
C ILE B 205 11.17 13.53 -34.30
N TYR B 206 10.69 14.54 -35.01
CA TYR B 206 9.67 14.35 -36.02
C TYR B 206 9.95 13.12 -36.87
N LYS B 207 11.17 13.04 -37.41
CA LYS B 207 11.59 11.89 -38.21
C LYS B 207 11.71 10.63 -37.36
N ILE B 208 11.65 10.80 -36.04
CA ILE B 208 11.77 9.68 -35.12
C ILE B 208 10.42 9.08 -34.73
N LEU B 209 9.44 9.95 -34.51
CA LEU B 209 8.08 9.49 -34.22
C LEU B 209 7.51 8.70 -35.38
N ASN B 210 7.83 9.12 -36.60
CA ASN B 210 7.40 8.40 -37.79
C ASN B 210 8.07 7.03 -37.86
N TYR B 211 9.38 7.02 -37.68
CA TYR B 211 10.15 5.79 -37.73
C TYR B 211 9.61 4.74 -36.74
N LEU B 212 9.20 5.21 -35.57
CA LEU B 212 8.70 4.32 -34.53
C LEU B 212 7.22 4.00 -34.71
N SER B 213 6.53 4.86 -35.47
CA SER B 213 5.09 4.70 -35.69
C SER B 213 4.54 3.51 -34.91
N GLY B 223 7.48 -0.26 -25.62
CA GLY B 223 6.90 1.06 -25.79
C GLY B 223 7.95 2.16 -25.80
N MET B 224 9.04 1.93 -26.54
CA MET B 224 10.10 2.92 -26.64
C MET B 224 9.53 4.25 -27.13
N LYS B 225 8.50 4.16 -27.98
CA LYS B 225 7.77 5.33 -28.43
C LYS B 225 7.02 5.95 -27.25
N TYR B 226 6.12 5.16 -26.66
CA TYR B 226 5.36 5.57 -25.50
C TYR B 226 6.27 6.26 -24.50
N LYS B 227 7.40 5.62 -24.22
CA LYS B 227 8.40 6.17 -23.33
C LYS B 227 8.87 7.55 -23.82
N ILE B 228 9.28 7.62 -25.08
CA ILE B 228 9.79 8.87 -25.65
C ILE B 228 8.76 10.00 -25.60
N GLU B 229 7.49 9.65 -25.82
CA GLU B 229 6.43 10.65 -25.83
C GLU B 229 6.05 11.08 -24.41
N MET B 230 6.02 10.12 -23.49
CA MET B 230 5.66 10.40 -22.11
C MET B 230 6.61 11.41 -21.47
N ILE B 231 7.89 11.33 -21.82
CA ILE B 231 8.89 12.20 -21.24
C ILE B 231 8.84 13.60 -21.84
N ARG B 232 8.59 13.67 -23.14
CA ARG B 232 8.49 14.95 -23.82
C ARG B 232 7.24 15.71 -23.39
N LYS B 233 6.13 14.98 -23.25
CA LYS B 233 4.89 15.57 -22.79
C LYS B 233 5.09 16.25 -21.45
N ASN B 234 6.31 16.23 -20.94
CA ASN B 234 6.62 16.83 -19.64
C ASN B 234 7.91 17.63 -19.66
N LYS B 235 8.32 18.08 -20.84
CA LYS B 235 9.56 18.84 -20.97
C LYS B 235 10.69 18.19 -20.19
N CYS B 236 10.54 16.89 -19.92
CA CYS B 236 11.52 16.14 -19.15
C CYS B 236 12.90 16.11 -19.80
N ARG B 237 13.68 15.10 -19.44
CA ARG B 237 15.04 14.93 -19.93
C ARG B 237 15.66 13.69 -19.27
N GLY B 238 15.89 12.64 -20.06
CA GLY B 238 16.39 11.38 -19.51
C GLY B 238 17.41 10.65 -20.37
N PHE B 239 18.05 9.64 -19.77
CA PHE B 239 19.04 8.82 -20.47
C PHE B 239 18.60 7.37 -20.59
N VAL B 240 18.60 6.86 -21.82
CA VAL B 240 18.29 5.46 -22.07
C VAL B 240 19.57 4.69 -22.36
N PHE B 241 19.94 3.80 -21.45
CA PHE B 241 21.20 3.06 -21.59
C PHE B 241 21.03 1.57 -21.32
N ASN B 242 22.14 0.86 -21.34
CA ASN B 242 22.14 -0.59 -21.14
C ASN B 242 22.45 -0.93 -19.69
N GLY B 243 21.54 -1.65 -19.04
CA GLY B 243 21.67 -1.98 -17.62
C GLY B 243 22.47 -3.24 -17.36
N ASN B 244 22.67 -4.04 -18.41
CA ASN B 244 23.39 -5.31 -18.27
C ASN B 244 24.91 -5.15 -18.33
N LYS B 245 25.37 -3.93 -18.59
CA LYS B 245 26.80 -3.69 -18.71
C LYS B 245 27.38 -3.22 -17.39
N ALA B 246 28.14 -4.09 -16.74
CA ALA B 246 28.71 -3.79 -15.45
C ALA B 246 29.20 -2.35 -15.37
N ASN B 247 28.65 -1.56 -14.44
CA ASN B 247 29.12 -0.20 -14.21
C ASN B 247 28.30 0.90 -14.86
N ASN B 248 27.47 0.54 -15.83
CA ASN B 248 26.63 1.54 -16.48
C ASN B 248 25.76 2.27 -15.47
N ILE B 249 25.08 1.50 -14.63
CA ILE B 249 24.22 2.06 -13.60
C ILE B 249 25.03 2.96 -12.66
N TYR B 250 26.19 2.47 -12.23
CA TYR B 250 27.04 3.27 -11.36
C TYR B 250 27.47 4.56 -12.05
N LYS B 251 27.86 4.45 -13.32
CA LYS B 251 28.23 5.62 -14.11
C LYS B 251 27.03 6.53 -14.34
N ALA B 252 25.93 5.93 -14.80
CA ALA B 252 24.72 6.69 -15.08
C ALA B 252 24.37 7.60 -13.93
N LEU B 253 24.44 7.07 -12.71
CA LEU B 253 24.06 7.81 -11.53
C LEU B 253 25.07 8.92 -11.21
N LEU B 254 26.35 8.62 -11.38
CA LEU B 254 27.41 9.56 -11.05
C LEU B 254 27.43 10.80 -11.94
N GLY B 255 27.03 10.66 -13.19
CA GLY B 255 27.08 11.80 -14.11
C GLY B 255 26.69 11.45 -15.53
N GLU B 256 27.27 10.37 -16.05
CA GLU B 256 26.84 9.86 -17.35
C GLU B 256 27.75 8.80 -17.94
N VAL B 257 27.15 7.95 -18.76
CA VAL B 257 27.87 6.99 -19.58
C VAL B 257 27.19 6.97 -20.94
N GLU B 258 27.56 6.01 -21.78
CA GLU B 258 26.98 5.91 -23.12
C GLU B 258 25.51 5.50 -23.09
N GLY B 259 24.74 6.05 -24.03
CA GLY B 259 23.31 5.80 -24.11
C GLY B 259 22.64 6.96 -24.81
N THR B 260 21.35 6.80 -25.12
CA THR B 260 20.61 7.82 -25.84
C THR B 260 20.06 8.88 -24.89
N GLU B 261 20.21 10.15 -25.27
CA GLU B 261 19.70 11.26 -24.48
C GLU B 261 18.40 11.80 -25.07
N ILE B 262 17.44 12.12 -24.20
CA ILE B 262 16.15 12.63 -24.64
C ILE B 262 15.78 13.91 -23.87
N ASP B 263 15.83 15.05 -24.54
CA ASP B 263 15.67 16.34 -23.87
C ASP B 263 14.41 17.12 -24.28
N PHE B 264 13.52 17.34 -23.33
CA PHE B 264 12.32 18.14 -23.56
C PHE B 264 12.04 19.06 -22.38
#